data_1US8
#
_entry.id   1US8
#
_cell.length_a   67.541
_cell.length_b   67.851
_cell.length_c   69.930
_cell.angle_alpha   90.00
_cell.angle_beta   90.00
_cell.angle_gamma   90.00
#
_symmetry.space_group_name_H-M   'P 21 21 21'
#
loop_
_entity.id
_entity.type
_entity.pdbx_description
1 polymer 'DNA DOUBLE-STRAND BREAK REPAIR RAD50 ATPASE'
2 polymer 'DNA DOUBLE-STRAND BREAK REPAIR RAD50 ATPASE'
3 water water
#
loop_
_entity_poly.entity_id
_entity_poly.type
_entity_poly.pdbx_seq_one_letter_code
_entity_poly.pdbx_strand_id
1 'polypeptide(L)'
;MKLERVTVKNFRSHSDTVVEFKEGINLIIGQNGSGKSSLLDAILVGLYWPLRIKDIKKDEFTKVGARDTYIDLIFEKDGT
KYRITRRFLKGYSSGEIHAMKRLVGNEWKHVTEPSSKAISAFMEKLIPYNIFLNAIYIRQGQIDAIL
;
A
2 'polypeptide(L)'
;LAREAALSKIGELASEIFAEFTEGKYSEVVVRAEENKVRLFVVWEGKERPLTFLRGGERIALGLAFRLAMSLYLAGEISL
LILDEPTPYLDEERRRKLITIMERYLKKIPQVILVSHDEELKDAADHVIRISLENGSSKVEVVS
;
B
#
# COMPACT_ATOMS: atom_id res chain seq x y z
N MET A 1 -8.75 -7.65 2.90
CA MET A 1 -8.77 -7.97 1.44
C MET A 1 -7.37 -8.39 0.97
N LYS A 2 -7.32 -8.93 -0.23
CA LYS A 2 -6.05 -9.33 -0.83
C LYS A 2 -6.14 -9.30 -2.34
N LEU A 3 -5.07 -8.84 -2.97
CA LEU A 3 -5.03 -8.76 -4.42
C LEU A 3 -4.48 -10.07 -4.94
N GLU A 4 -4.99 -10.53 -6.08
CA GLU A 4 -4.53 -11.79 -6.64
C GLU A 4 -3.77 -11.60 -7.93
N ARG A 5 -4.34 -10.79 -8.84
CA ARG A 5 -3.68 -10.57 -10.12
C ARG A 5 -4.23 -9.38 -10.86
N VAL A 6 -3.36 -8.74 -11.63
CA VAL A 6 -3.78 -7.59 -12.41
C VAL A 6 -3.15 -7.68 -13.80
N THR A 7 -3.92 -7.32 -14.81
CA THR A 7 -3.45 -7.33 -16.19
C THR A 7 -3.66 -5.92 -16.68
N VAL A 8 -2.62 -5.35 -17.27
CA VAL A 8 -2.70 -3.99 -17.75
C VAL A 8 -2.19 -3.95 -19.18
N LYS A 9 -2.99 -3.38 -20.08
CA LYS A 9 -2.60 -3.29 -21.48
C LYS A 9 -2.82 -1.88 -21.99
N ASN A 10 -1.81 -1.36 -22.69
CA ASN A 10 -1.85 -0.02 -23.26
C ASN A 10 -2.22 1.06 -22.26
N PHE A 11 -1.46 1.11 -21.17
CA PHE A 11 -1.65 2.11 -20.12
C PHE A 11 -0.25 2.62 -19.77
N ARG A 12 0.05 3.85 -20.14
CA ARG A 12 1.37 4.43 -19.89
C ARG A 12 2.41 3.58 -20.62
N SER A 13 3.44 3.12 -19.90
CA SER A 13 4.48 2.31 -20.52
C SER A 13 4.13 0.82 -20.58
N HIS A 14 2.94 0.46 -20.11
CA HIS A 14 2.52 -0.95 -20.12
C HIS A 14 1.81 -1.32 -21.41
N SER A 15 2.35 -2.30 -22.14
CA SER A 15 1.71 -2.72 -23.37
C SER A 15 0.87 -3.95 -23.04
N ASP A 16 1.44 -4.86 -22.27
CA ASP A 16 0.74 -6.07 -21.86
C ASP A 16 1.42 -6.63 -20.62
N THR A 17 1.05 -6.08 -19.46
CA THR A 17 1.64 -6.48 -18.19
C THR A 17 0.69 -7.31 -17.33
N VAL A 18 1.22 -8.38 -16.75
CA VAL A 18 0.44 -9.25 -15.88
C VAL A 18 1.26 -9.45 -14.62
N VAL A 19 0.67 -9.15 -13.48
CA VAL A 19 1.36 -9.31 -12.22
C VAL A 19 0.51 -10.09 -11.24
N GLU A 20 1.11 -11.12 -10.66
CA GLU A 20 0.41 -11.94 -9.69
C GLU A 20 0.89 -11.50 -8.30
N PHE A 21 -0.02 -11.50 -7.34
CA PHE A 21 0.32 -11.12 -5.98
C PHE A 21 0.08 -12.33 -5.11
N LYS A 22 0.98 -12.58 -4.17
CA LYS A 22 0.85 -13.73 -3.30
C LYS A 22 0.82 -13.32 -1.84
N GLU A 23 0.86 -14.32 -0.96
CA GLU A 23 0.84 -14.07 0.47
C GLU A 23 2.19 -13.51 0.89
N GLY A 24 2.21 -12.79 2.00
CA GLY A 24 3.46 -12.24 2.48
C GLY A 24 3.88 -10.95 1.79
N ILE A 25 5.17 -10.66 1.85
CA ILE A 25 5.71 -9.46 1.25
C ILE A 25 6.02 -9.61 -0.23
N ASN A 26 5.30 -8.84 -1.04
CA ASN A 26 5.47 -8.82 -2.48
C ASN A 26 6.27 -7.55 -2.81
N LEU A 27 7.52 -7.73 -3.23
CA LEU A 27 8.37 -6.58 -3.55
C LEU A 27 8.44 -6.34 -5.06
N ILE A 28 8.13 -5.12 -5.47
CA ILE A 28 8.19 -4.75 -6.88
C ILE A 28 9.33 -3.76 -7.02
N ILE A 29 10.42 -4.21 -7.62
CA ILE A 29 11.60 -3.37 -7.82
C ILE A 29 11.61 -2.75 -9.21
N GLY A 30 11.98 -1.49 -9.29
CA GLY A 30 12.04 -0.82 -10.57
C GLY A 30 12.59 0.58 -10.42
N GLN A 31 13.14 1.11 -11.51
CA GLN A 31 13.68 2.46 -11.49
C GLN A 31 12.60 3.41 -12.00
N ASN A 32 12.89 4.70 -11.97
CA ASN A 32 11.95 5.71 -12.44
C ASN A 32 11.56 5.47 -13.89
N GLY A 33 10.28 5.59 -14.20
CA GLY A 33 9.81 5.37 -15.55
C GLY A 33 9.80 3.91 -15.98
N SER A 34 10.02 3.00 -15.03
CA SER A 34 10.02 1.58 -15.35
C SER A 34 8.60 1.08 -15.55
N GLY A 35 7.65 1.73 -14.89
CA GLY A 35 6.26 1.32 -14.99
C GLY A 35 5.74 0.81 -13.65
N LYS A 36 6.62 0.72 -12.67
CA LYS A 36 6.23 0.25 -11.35
C LYS A 36 5.17 1.17 -10.76
N SER A 37 5.34 2.47 -10.99
CA SER A 37 4.42 3.46 -10.46
C SER A 37 3.05 3.43 -11.13
N SER A 38 3.06 3.35 -12.45
CA SER A 38 1.83 3.31 -13.23
C SER A 38 1.05 2.01 -12.98
N LEU A 39 1.76 0.96 -12.54
CA LEU A 39 1.11 -0.32 -12.25
C LEU A 39 0.18 -0.13 -11.06
N LEU A 40 0.67 0.58 -10.04
CA LEU A 40 -0.14 0.85 -8.86
C LEU A 40 -1.29 1.78 -9.24
N ASP A 41 -1.05 2.68 -10.17
CA ASP A 41 -2.12 3.59 -10.61
C ASP A 41 -3.19 2.78 -11.32
N ALA A 42 -2.78 1.80 -12.11
CA ALA A 42 -3.74 0.96 -12.83
C ALA A 42 -4.60 0.20 -11.82
N ILE A 43 -4.00 -0.22 -10.71
CA ILE A 43 -4.75 -0.93 -9.69
C ILE A 43 -5.80 0.02 -9.05
N LEU A 44 -5.40 1.25 -8.78
CA LEU A 44 -6.30 2.24 -8.19
C LEU A 44 -7.43 2.53 -9.17
N VAL A 45 -7.11 2.60 -10.45
CA VAL A 45 -8.12 2.85 -11.48
C VAL A 45 -9.04 1.64 -11.52
N GLY A 46 -8.45 0.45 -11.50
CA GLY A 46 -9.24 -0.76 -11.53
C GLY A 46 -10.24 -0.84 -10.39
N LEU A 47 -9.80 -0.51 -9.18
CA LEU A 47 -10.67 -0.56 -8.02
C LEU A 47 -11.65 0.59 -7.90
N TYR A 48 -11.15 1.81 -8.04
CA TYR A 48 -11.96 2.98 -7.81
C TYR A 48 -12.35 3.93 -8.93
N TRP A 49 -12.24 3.50 -10.18
CA TRP A 49 -12.67 4.37 -11.27
C TRP A 49 -14.15 4.63 -11.02
N PRO A 50 -14.63 5.85 -11.29
CA PRO A 50 -13.90 7.00 -11.83
C PRO A 50 -13.20 7.83 -10.75
N LEU A 51 -11.98 8.25 -11.05
CA LEU A 51 -11.19 9.06 -10.13
C LEU A 51 -10.08 9.72 -10.95
N ARG A 52 -9.45 10.75 -10.39
CA ARG A 52 -8.38 11.43 -11.10
C ARG A 52 -7.02 11.12 -10.49
N ILE A 53 -6.17 10.45 -11.27
CA ILE A 53 -4.83 10.08 -10.83
C ILE A 53 -3.90 9.96 -12.03
N ASP A 68 -6.53 1.19 -27.18
CA ASP A 68 -7.49 0.62 -26.24
C ASP A 68 -6.84 0.21 -24.92
N THR A 69 -7.13 0.96 -23.87
CA THR A 69 -6.59 0.67 -22.55
C THR A 69 -7.46 -0.38 -21.88
N TYR A 70 -6.82 -1.40 -21.34
CA TYR A 70 -7.53 -2.49 -20.68
C TYR A 70 -6.92 -2.78 -19.33
N ILE A 71 -7.77 -2.90 -18.31
CA ILE A 71 -7.33 -3.21 -16.96
C ILE A 71 -8.24 -4.27 -16.39
N ASP A 72 -7.66 -5.38 -15.95
CA ASP A 72 -8.41 -6.49 -15.38
C ASP A 72 -7.78 -6.80 -14.03
N LEU A 73 -8.57 -6.70 -12.97
CA LEU A 73 -8.07 -6.94 -11.62
C LEU A 73 -8.88 -7.97 -10.85
N ILE A 74 -8.19 -8.93 -10.26
CA ILE A 74 -8.85 -9.95 -9.47
C ILE A 74 -8.39 -9.78 -8.03
N PHE A 75 -9.34 -9.69 -7.11
CA PHE A 75 -9.01 -9.55 -5.70
C PHE A 75 -9.95 -10.37 -4.84
N GLU A 76 -9.58 -10.52 -3.57
CA GLU A 76 -10.38 -11.29 -2.62
C GLU A 76 -10.85 -10.38 -1.51
N LYS A 77 -12.11 -10.55 -1.11
CA LYS A 77 -12.69 -9.75 -0.04
C LYS A 77 -13.71 -10.58 0.74
N ASP A 78 -13.51 -10.69 2.05
CA ASP A 78 -14.43 -11.44 2.90
C ASP A 78 -14.76 -12.85 2.39
N GLY A 79 -13.75 -13.54 1.88
CA GLY A 79 -13.98 -14.89 1.38
C GLY A 79 -14.53 -14.99 -0.03
N THR A 80 -14.87 -13.86 -0.64
CA THR A 80 -15.40 -13.87 -2.01
C THR A 80 -14.37 -13.35 -3.01
N LYS A 81 -14.22 -14.05 -4.14
CA LYS A 81 -13.27 -13.64 -5.16
C LYS A 81 -13.99 -12.74 -6.17
N TYR A 82 -13.47 -11.52 -6.33
CA TYR A 82 -14.03 -10.53 -7.23
C TYR A 82 -13.12 -10.24 -8.42
N ARG A 83 -13.71 -9.68 -9.46
CA ARG A 83 -12.97 -9.34 -10.66
C ARG A 83 -13.58 -8.11 -11.31
N ILE A 84 -12.76 -7.08 -11.51
CA ILE A 84 -13.23 -5.87 -12.16
C ILE A 84 -12.45 -5.75 -13.47
N THR A 85 -13.18 -5.51 -14.55
CA THR A 85 -12.56 -5.38 -15.86
C THR A 85 -13.01 -4.07 -16.49
N ARG A 86 -12.04 -3.27 -16.93
CA ARG A 86 -12.35 -1.99 -17.54
C ARG A 86 -11.61 -1.84 -18.86
N ARG A 87 -12.29 -1.27 -19.83
CA ARG A 87 -11.72 -1.08 -21.15
C ARG A 87 -12.11 0.32 -21.61
N PHE A 88 -11.10 1.11 -21.97
CA PHE A 88 -11.35 2.45 -22.44
C PHE A 88 -11.04 2.45 -23.94
N LEU A 89 -12.09 2.55 -24.74
CA LEU A 89 -11.97 2.53 -26.20
C LEU A 89 -11.43 3.86 -26.73
N SER A 94 -14.59 6.12 -29.25
CA SER A 94 -14.48 6.40 -27.83
C SER A 94 -15.34 5.43 -27.02
N GLY A 95 -15.73 5.85 -25.82
CA GLY A 95 -16.55 5.00 -24.96
C GLY A 95 -15.73 4.14 -24.01
N GLU A 96 -16.41 3.55 -23.04
CA GLU A 96 -15.74 2.70 -22.06
C GLU A 96 -16.64 1.54 -21.62
N ILE A 97 -16.00 0.44 -21.23
CA ILE A 97 -16.72 -0.75 -20.79
C ILE A 97 -16.26 -1.07 -19.36
N HIS A 98 -17.19 -1.43 -18.50
CA HIS A 98 -16.89 -1.75 -17.11
C HIS A 98 -17.74 -2.91 -16.61
N ALA A 99 -17.10 -3.89 -15.99
CA ALA A 99 -17.82 -5.02 -15.44
C ALA A 99 -17.16 -5.47 -14.15
N MET A 100 -17.99 -5.85 -13.17
CA MET A 100 -17.48 -6.35 -11.90
C MET A 100 -18.23 -7.64 -11.61
N LYS A 101 -17.47 -8.72 -11.44
CA LYS A 101 -18.08 -10.02 -11.21
C LYS A 101 -17.49 -10.71 -9.98
N ARG A 102 -18.16 -11.80 -9.59
CA ARG A 102 -17.76 -12.60 -8.45
C ARG A 102 -17.58 -14.02 -8.97
N LEU A 103 -16.69 -14.77 -8.34
CA LEU A 103 -16.45 -16.14 -8.74
C LEU A 103 -17.45 -17.05 -8.01
N VAL A 104 -18.10 -17.92 -8.78
CA VAL A 104 -19.07 -18.86 -8.22
C VAL A 104 -18.75 -20.21 -8.83
N GLY A 105 -18.15 -21.09 -8.03
CA GLY A 105 -17.78 -22.38 -8.53
C GLY A 105 -16.70 -22.21 -9.58
N ASN A 106 -17.08 -22.32 -10.84
CA ASN A 106 -16.12 -22.20 -11.93
C ASN A 106 -16.36 -21.00 -12.87
N GLU A 107 -17.43 -20.24 -12.64
CA GLU A 107 -17.69 -19.11 -13.51
C GLU A 107 -17.89 -17.77 -12.82
N TRP A 108 -17.68 -16.70 -13.58
CA TRP A 108 -17.83 -15.35 -13.07
C TRP A 108 -19.20 -14.79 -13.37
N LYS A 109 -19.85 -14.22 -12.36
CA LYS A 109 -21.18 -13.66 -12.54
C LYS A 109 -21.19 -12.18 -12.14
N HIS A 110 -21.93 -11.38 -12.89
CA HIS A 110 -22.05 -9.96 -12.61
C HIS A 110 -22.57 -9.74 -11.19
N VAL A 111 -21.97 -8.81 -10.48
CA VAL A 111 -22.38 -8.50 -9.12
C VAL A 111 -23.36 -7.33 -9.14
N THR A 112 -23.28 -6.54 -10.21
CA THR A 112 -24.16 -5.38 -10.35
C THR A 112 -24.20 -5.03 -11.82
N GLU A 113 -24.99 -4.02 -12.18
CA GLU A 113 -25.07 -3.62 -13.58
C GLU A 113 -23.67 -3.28 -14.08
N PRO A 114 -23.32 -3.76 -15.29
CA PRO A 114 -21.99 -3.47 -15.84
C PRO A 114 -21.88 -2.02 -16.32
N SER A 115 -21.89 -1.11 -15.36
CA SER A 115 -21.77 0.31 -15.66
C SER A 115 -20.84 0.93 -14.64
N SER A 116 -20.22 2.03 -15.05
CA SER A 116 -19.28 2.76 -14.21
C SER A 116 -19.92 3.21 -12.89
N LYS A 117 -21.10 3.81 -12.95
CA LYS A 117 -21.76 4.28 -11.74
C LYS A 117 -22.18 3.17 -10.78
N ALA A 118 -22.77 2.11 -11.32
CA ALA A 118 -23.21 1.00 -10.48
C ALA A 118 -22.04 0.32 -9.78
N ILE A 119 -20.96 0.07 -10.54
CA ILE A 119 -19.77 -0.56 -9.98
C ILE A 119 -19.12 0.33 -8.91
N SER A 120 -19.05 1.62 -9.19
CA SER A 120 -18.45 2.58 -8.27
C SER A 120 -19.22 2.63 -6.95
N ALA A 121 -20.54 2.55 -7.04
CA ALA A 121 -21.40 2.58 -5.87
C ALA A 121 -21.21 1.30 -5.06
N PHE A 122 -21.06 0.18 -5.76
CA PHE A 122 -20.87 -1.10 -5.10
C PHE A 122 -19.55 -1.10 -4.34
N MET A 123 -18.48 -0.65 -4.99
CA MET A 123 -17.15 -0.62 -4.36
C MET A 123 -17.10 0.26 -3.12
N GLU A 124 -17.79 1.39 -3.14
CA GLU A 124 -17.81 2.29 -1.99
C GLU A 124 -18.45 1.62 -0.79
N LYS A 125 -19.28 0.61 -1.05
CA LYS A 125 -19.94 -0.13 0.03
C LYS A 125 -19.09 -1.34 0.43
N LEU A 126 -18.49 -1.99 -0.56
CA LEU A 126 -17.63 -3.16 -0.30
C LEU A 126 -16.33 -2.75 0.38
N ILE A 127 -15.60 -1.82 -0.24
CA ILE A 127 -14.33 -1.34 0.32
C ILE A 127 -14.26 0.16 0.07
N PRO A 128 -14.84 0.96 0.97
CA PRO A 128 -14.81 2.42 0.80
C PRO A 128 -13.43 3.00 0.50
N TYR A 129 -13.42 3.90 -0.48
CA TYR A 129 -12.21 4.57 -0.91
C TYR A 129 -11.42 5.16 0.26
N ASN A 130 -12.12 5.76 1.23
CA ASN A 130 -11.43 6.35 2.37
C ASN A 130 -10.73 5.30 3.23
N ILE A 131 -11.32 4.11 3.33
CA ILE A 131 -10.70 3.03 4.10
C ILE A 131 -9.44 2.57 3.38
N PHE A 132 -9.51 2.49 2.06
CA PHE A 132 -8.35 2.07 1.27
C PHE A 132 -7.18 3.05 1.39
N LEU A 133 -7.44 4.35 1.24
CA LEU A 133 -6.37 5.34 1.32
C LEU A 133 -5.88 5.62 2.75
N ASN A 134 -6.77 5.52 3.72
CA ASN A 134 -6.38 5.78 5.11
C ASN A 134 -5.82 4.58 5.87
N ALA A 135 -6.19 3.37 5.47
CA ALA A 135 -5.72 2.19 6.20
C ALA A 135 -4.89 1.20 5.39
N ILE A 136 -4.92 1.29 4.06
CA ILE A 136 -4.19 0.34 3.24
C ILE A 136 -3.04 0.90 2.42
N TYR A 137 -3.33 1.97 1.68
CA TYR A 137 -2.37 2.61 0.78
C TYR A 137 -1.46 3.64 1.45
N ILE A 138 -0.17 3.35 1.52
CA ILE A 138 0.77 4.28 2.12
C ILE A 138 1.58 4.96 1.03
N ARG A 139 1.55 6.29 1.02
CA ARG A 139 2.27 7.09 0.04
C ARG A 139 3.17 8.10 0.73
N GLN A 140 4.19 8.56 0.03
CA GLN A 140 5.14 9.51 0.56
C GLN A 140 4.50 10.74 1.19
N GLY A 141 3.47 11.28 0.55
CA GLY A 141 2.80 12.46 1.06
C GLY A 141 2.31 12.32 2.50
N GLN A 142 1.83 11.14 2.84
CA GLN A 142 1.33 10.88 4.18
C GLN A 142 2.48 10.93 5.19
N ILE A 143 3.61 10.34 4.82
CA ILE A 143 4.78 10.32 5.69
C ILE A 143 5.25 11.77 5.90
N ASP A 144 5.40 12.50 4.81
CA ASP A 144 5.82 13.89 4.87
C ASP A 144 4.91 14.66 5.81
N ALA A 145 3.60 14.44 5.68
CA ALA A 145 2.62 15.12 6.51
C ALA A 145 2.76 14.78 7.99
N ILE A 146 3.13 13.53 8.26
CA ILE A 146 3.32 13.07 9.64
C ILE A 146 4.53 13.73 10.26
N LEU A 147 5.65 13.69 9.56
CA LEU A 147 6.89 14.28 10.05
C LEU A 147 6.92 15.79 9.82
N LEU B 1 -13.12 15.19 26.10
CA LEU B 1 -13.06 15.60 24.70
C LEU B 1 -12.94 14.39 23.79
N ALA B 2 -13.76 14.34 22.74
CA ALA B 2 -13.74 13.24 21.80
C ALA B 2 -12.44 13.25 21.00
N ARG B 3 -11.99 14.45 20.62
CA ARG B 3 -10.77 14.62 19.84
C ARG B 3 -9.58 14.10 20.65
N GLU B 4 -9.54 14.46 21.92
CA GLU B 4 -8.47 14.06 22.81
C GLU B 4 -8.41 12.54 22.99
N ALA B 5 -9.58 11.91 23.05
CA ALA B 5 -9.65 10.46 23.21
C ALA B 5 -9.10 9.74 21.98
N ALA B 6 -9.38 10.29 20.80
CA ALA B 6 -8.92 9.70 19.54
C ALA B 6 -7.41 9.85 19.39
N LEU B 7 -6.90 11.06 19.59
CA LEU B 7 -5.46 11.30 19.47
C LEU B 7 -4.72 10.46 20.51
N SER B 8 -5.37 10.26 21.66
CA SER B 8 -4.77 9.48 22.73
C SER B 8 -4.65 8.01 22.35
N LYS B 9 -5.69 7.47 21.74
CA LYS B 9 -5.68 6.06 21.33
C LYS B 9 -4.65 5.84 20.23
N ILE B 10 -4.62 6.73 19.25
CA ILE B 10 -3.68 6.63 18.15
C ILE B 10 -2.26 6.70 18.67
N GLY B 11 -2.05 7.52 19.69
CA GLY B 11 -0.73 7.66 20.28
C GLY B 11 -0.29 6.37 20.95
N GLU B 12 -1.23 5.70 21.60
CA GLU B 12 -0.93 4.44 22.27
C GLU B 12 -0.51 3.39 21.25
N LEU B 13 -1.29 3.27 20.19
CA LEU B 13 -0.99 2.31 19.14
C LEU B 13 0.37 2.65 18.51
N ALA B 14 0.57 3.92 18.21
CA ALA B 14 1.82 4.37 17.60
C ALA B 14 3.01 4.10 18.54
N SER B 15 2.80 4.29 19.84
CA SER B 15 3.85 4.06 20.82
C SER B 15 4.34 2.62 20.81
N GLU B 16 3.42 1.68 20.86
CA GLU B 16 3.77 0.28 20.86
C GLU B 16 4.54 -0.11 19.60
N ILE B 17 4.04 0.32 18.44
CA ILE B 17 4.69 -0.01 17.18
C ILE B 17 6.06 0.67 17.02
N PHE B 18 6.15 1.94 17.39
CA PHE B 18 7.43 2.66 17.29
C PHE B 18 8.45 2.06 18.24
N ALA B 19 8.02 1.73 19.46
CA ALA B 19 8.92 1.14 20.43
C ALA B 19 9.46 -0.17 19.87
N GLU B 20 8.61 -0.91 19.16
CA GLU B 20 9.03 -2.18 18.57
C GLU B 20 10.01 -1.91 17.42
N PHE B 21 9.71 -0.91 16.60
CA PHE B 21 10.58 -0.58 15.47
C PHE B 21 11.94 -0.03 15.90
N THR B 22 12.06 0.44 17.13
CA THR B 22 13.33 0.99 17.60
C THR B 22 13.92 0.19 18.76
N GLU B 23 13.51 -1.06 18.89
CA GLU B 23 14.01 -1.91 19.96
C GLU B 23 13.89 -1.26 21.34
N GLY B 24 12.83 -0.50 21.56
CA GLY B 24 12.64 0.13 22.86
C GLY B 24 13.45 1.39 23.13
N LYS B 25 14.13 1.91 22.10
CA LYS B 25 14.92 3.13 22.29
C LYS B 25 13.98 4.27 22.68
N TYR B 26 12.79 4.29 22.10
CA TYR B 26 11.79 5.30 22.39
C TYR B 26 10.61 4.59 23.04
N SER B 27 10.15 5.11 24.18
CA SER B 27 9.06 4.48 24.94
C SER B 27 7.66 4.84 24.45
N GLU B 28 7.50 5.99 23.81
CA GLU B 28 6.18 6.34 23.32
C GLU B 28 6.17 7.45 22.30
N VAL B 29 5.02 7.62 21.66
CA VAL B 29 4.79 8.65 20.67
C VAL B 29 3.65 9.49 21.24
N VAL B 30 3.88 10.79 21.34
CA VAL B 30 2.89 11.71 21.90
C VAL B 30 2.26 12.57 20.82
N VAL B 31 0.94 12.54 20.74
CA VAL B 31 0.20 13.31 19.74
C VAL B 31 -0.43 14.56 20.32
N ARG B 32 0.17 15.71 20.05
CA ARG B 32 -0.35 16.99 20.54
C ARG B 32 -1.31 17.63 19.54
N ALA B 33 -2.39 18.21 20.04
CA ALA B 33 -3.37 18.86 19.19
C ALA B 33 -2.77 20.05 18.46
N VAL B 38 -2.00 19.21 14.85
CA VAL B 38 -1.57 17.96 15.45
C VAL B 38 -0.07 17.74 15.26
N ARG B 39 0.66 17.72 16.37
CA ARG B 39 2.10 17.53 16.32
C ARG B 39 2.53 16.27 17.08
N LEU B 40 3.57 15.61 16.57
CA LEU B 40 4.07 14.40 17.21
C LEU B 40 5.38 14.64 17.96
N PHE B 41 5.53 13.96 19.09
CA PHE B 41 6.74 14.05 19.89
C PHE B 41 7.06 12.63 20.32
N VAL B 42 8.34 12.33 20.53
CA VAL B 42 8.73 10.99 20.96
C VAL B 42 9.37 11.06 22.34
N VAL B 43 9.21 9.99 23.12
CA VAL B 43 9.79 9.95 24.46
C VAL B 43 11.06 9.11 24.48
N TRP B 44 12.14 9.72 24.94
CA TRP B 44 13.45 9.09 25.03
C TRP B 44 13.97 9.40 26.43
N GLU B 45 14.33 8.35 27.17
CA GLU B 45 14.83 8.53 28.53
C GLU B 45 13.89 9.39 29.39
N GLY B 46 12.59 9.11 29.28
CA GLY B 46 11.60 9.82 30.06
C GLY B 46 11.25 11.23 29.67
N LYS B 47 11.78 11.72 28.56
CA LYS B 47 11.50 13.09 28.12
C LYS B 47 10.96 13.18 26.70
N GLU B 48 9.93 14.00 26.51
CA GLU B 48 9.33 14.20 25.19
C GLU B 48 10.25 15.09 24.38
N ARG B 49 10.65 14.62 23.20
CA ARG B 49 11.55 15.38 22.34
C ARG B 49 10.90 15.68 20.99
N PRO B 50 11.33 16.75 20.31
CA PRO B 50 10.79 17.13 19.01
C PRO B 50 11.33 16.13 17.98
N LEU B 51 10.67 16.01 16.84
CA LEU B 51 11.10 15.06 15.81
C LEU B 51 12.45 15.42 15.20
N THR B 52 12.85 16.69 15.33
CA THR B 52 14.12 17.15 14.79
C THR B 52 15.30 16.35 15.32
N PHE B 53 15.10 15.66 16.44
CA PHE B 53 16.18 14.88 17.04
C PHE B 53 16.32 13.46 16.49
N LEU B 54 15.36 13.02 15.69
CA LEU B 54 15.40 11.68 15.11
C LEU B 54 16.41 11.55 13.97
N ARG B 55 17.08 10.40 13.91
CA ARG B 55 18.01 10.15 12.83
C ARG B 55 17.19 9.61 11.65
N GLY B 56 17.81 9.52 10.48
CA GLY B 56 17.13 9.05 9.28
C GLY B 56 16.24 7.82 9.40
N GLY B 57 16.82 6.69 9.78
CA GLY B 57 16.06 5.47 9.92
C GLY B 57 14.93 5.58 10.93
N GLU B 58 15.14 6.38 11.98
CA GLU B 58 14.12 6.55 13.01
C GLU B 58 12.95 7.36 12.49
N ARG B 59 13.21 8.23 11.52
CA ARG B 59 12.14 9.04 10.93
C ARG B 59 11.24 8.10 10.13
N ILE B 60 11.87 7.20 9.38
CA ILE B 60 11.12 6.22 8.57
C ILE B 60 10.30 5.34 9.51
N ALA B 61 10.91 4.90 10.60
CA ALA B 61 10.21 4.05 11.56
C ALA B 61 9.02 4.77 12.19
N LEU B 62 9.18 6.06 12.47
CA LEU B 62 8.10 6.83 13.08
C LEU B 62 6.94 7.08 12.10
N GLY B 63 7.28 7.48 10.88
CA GLY B 63 6.24 7.74 9.90
C GLY B 63 5.39 6.50 9.63
N LEU B 64 6.06 5.35 9.53
CA LEU B 64 5.36 4.09 9.27
C LEU B 64 4.61 3.63 10.51
N ALA B 65 5.20 3.81 11.68
CA ALA B 65 4.56 3.40 12.92
C ALA B 65 3.24 4.14 13.05
N PHE B 66 3.25 5.43 12.74
CA PHE B 66 2.05 6.25 12.83
C PHE B 66 1.01 5.85 11.80
N ARG B 67 1.44 5.52 10.59
CA ARG B 67 0.52 5.10 9.55
C ARG B 67 -0.12 3.77 9.95
N LEU B 68 0.70 2.86 10.46
CA LEU B 68 0.20 1.56 10.88
C LEU B 68 -0.78 1.73 12.03
N ALA B 69 -0.52 2.71 12.90
CA ALA B 69 -1.39 2.96 14.04
C ALA B 69 -2.76 3.43 13.53
N MET B 70 -2.76 4.34 12.56
CA MET B 70 -4.00 4.84 11.99
C MET B 70 -4.76 3.69 11.33
N SER B 71 -4.02 2.80 10.68
CA SER B 71 -4.62 1.65 10.02
C SER B 71 -5.37 0.76 11.02
N LEU B 72 -4.73 0.48 12.15
CA LEU B 72 -5.35 -0.34 13.18
C LEU B 72 -6.52 0.39 13.82
N TYR B 73 -6.32 1.68 14.10
CA TYR B 73 -7.34 2.50 14.71
C TYR B 73 -8.63 2.53 13.89
N LEU B 74 -8.49 2.66 12.57
CA LEU B 74 -9.61 2.74 11.65
C LEU B 74 -10.21 1.42 11.16
N ALA B 75 -9.37 0.44 10.86
CA ALA B 75 -9.85 -0.84 10.35
C ALA B 75 -9.92 -1.95 11.37
N GLY B 76 -9.23 -1.76 12.51
CA GLY B 76 -9.25 -2.77 13.56
C GLY B 76 -8.28 -3.91 13.34
N GLU B 77 -7.72 -4.00 12.14
CA GLU B 77 -6.79 -5.06 11.81
C GLU B 77 -6.16 -4.68 10.48
N ILE B 78 -5.09 -5.37 10.10
CA ILE B 78 -4.45 -5.11 8.82
C ILE B 78 -4.37 -6.40 8.02
N SER B 79 -5.02 -6.41 6.86
CA SER B 79 -4.98 -7.58 6.01
C SER B 79 -3.99 -7.27 4.89
N LEU B 80 -4.26 -6.18 4.17
CA LEU B 80 -3.42 -5.75 3.07
C LEU B 80 -2.78 -4.39 3.32
N LEU B 81 -1.53 -4.27 2.92
CA LEU B 81 -0.80 -3.03 3.08
C LEU B 81 -0.04 -2.78 1.78
N ILE B 82 -0.21 -1.61 1.20
CA ILE B 82 0.49 -1.27 -0.03
C ILE B 82 1.37 -0.06 0.25
N LEU B 83 2.68 -0.26 0.17
CA LEU B 83 3.65 0.81 0.38
C LEU B 83 4.16 1.27 -0.97
N ASP B 84 3.54 2.33 -1.48
CA ASP B 84 3.92 2.85 -2.77
C ASP B 84 5.06 3.85 -2.63
N GLU B 85 6.28 3.33 -2.57
CA GLU B 85 7.48 4.16 -2.45
C GLU B 85 7.29 5.27 -1.43
N PRO B 86 6.88 4.92 -0.20
CA PRO B 86 6.66 5.93 0.84
C PRO B 86 7.93 6.66 1.32
N THR B 87 9.08 6.01 1.15
CA THR B 87 10.36 6.60 1.58
C THR B 87 11.43 6.39 0.52
N PRO B 88 11.30 7.06 -0.64
CA PRO B 88 12.25 6.94 -1.76
C PRO B 88 13.71 7.26 -1.45
N TYR B 89 13.96 8.22 -0.57
CA TYR B 89 15.34 8.54 -0.24
C TYR B 89 15.86 7.50 0.74
N LEU B 90 16.89 6.77 0.33
CA LEU B 90 17.43 5.70 1.17
C LEU B 90 18.95 5.63 1.29
N ASP B 91 19.45 5.95 2.47
CA ASP B 91 20.87 5.87 2.75
C ASP B 91 21.10 4.57 3.52
N GLU B 92 22.28 4.40 4.10
CA GLU B 92 22.60 3.20 4.85
C GLU B 92 21.65 2.96 6.03
N GLU B 93 21.49 3.97 6.88
CA GLU B 93 20.63 3.86 8.06
C GLU B 93 19.17 3.60 7.71
N ARG B 94 18.64 4.35 6.75
CA ARG B 94 17.26 4.19 6.33
C ARG B 94 17.01 2.77 5.80
N ARG B 95 17.93 2.30 4.97
CA ARG B 95 17.80 0.97 4.37
C ARG B 95 17.81 -0.14 5.41
N ARG B 96 18.73 -0.06 6.37
CA ARG B 96 18.81 -1.09 7.41
C ARG B 96 17.53 -1.09 8.25
N LYS B 97 17.00 0.09 8.53
CA LYS B 97 15.77 0.16 9.32
C LYS B 97 14.61 -0.46 8.55
N LEU B 98 14.50 -0.12 7.27
CA LEU B 98 13.43 -0.67 6.45
C LEU B 98 13.52 -2.20 6.37
N ILE B 99 14.72 -2.71 6.17
CA ILE B 99 14.91 -4.15 6.07
C ILE B 99 14.53 -4.80 7.42
N THR B 100 14.89 -4.14 8.51
CA THR B 100 14.56 -4.65 9.84
C THR B 100 13.04 -4.70 10.02
N ILE B 101 12.37 -3.61 9.65
CA ILE B 101 10.91 -3.54 9.77
C ILE B 101 10.25 -4.61 8.90
N MET B 102 10.81 -4.85 7.73
CA MET B 102 10.27 -5.85 6.82
C MET B 102 10.31 -7.27 7.37
N GLU B 103 11.49 -7.73 7.76
CA GLU B 103 11.63 -9.09 8.27
C GLU B 103 11.09 -9.38 9.65
N ARG B 104 10.89 -8.36 10.47
CA ARG B 104 10.38 -8.59 11.82
C ARG B 104 8.93 -8.21 12.03
N TYR B 105 8.41 -7.29 11.23
CA TYR B 105 7.04 -6.86 11.38
C TYR B 105 6.15 -7.05 10.17
N LEU B 106 6.54 -6.47 9.04
CA LEU B 106 5.75 -6.58 7.82
C LEU B 106 5.48 -8.01 7.39
N LYS B 107 6.37 -8.94 7.74
CA LYS B 107 6.16 -10.33 7.37
C LYS B 107 5.05 -10.95 8.19
N LYS B 108 4.52 -10.20 9.14
CA LYS B 108 3.43 -10.71 9.97
C LYS B 108 2.09 -10.35 9.36
N ILE B 109 2.13 -9.52 8.32
CA ILE B 109 0.90 -9.08 7.65
C ILE B 109 0.53 -10.07 6.56
N PRO B 110 -0.77 -10.42 6.46
CA PRO B 110 -1.25 -11.36 5.44
C PRO B 110 -0.70 -11.08 4.05
N GLN B 111 -0.80 -9.83 3.60
CA GLN B 111 -0.28 -9.45 2.30
C GLN B 111 0.27 -8.04 2.30
N VAL B 112 1.49 -7.90 1.81
CA VAL B 112 2.15 -6.62 1.72
C VAL B 112 2.69 -6.42 0.32
N ILE B 113 2.38 -5.28 -0.28
CA ILE B 113 2.89 -4.96 -1.60
C ILE B 113 3.81 -3.76 -1.42
N LEU B 114 5.10 -3.99 -1.66
CA LEU B 114 6.10 -2.96 -1.47
C LEU B 114 6.73 -2.56 -2.80
N VAL B 115 6.61 -1.28 -3.14
CA VAL B 115 7.18 -0.76 -4.39
C VAL B 115 8.39 0.07 -4.05
N SER B 116 9.53 -0.27 -4.65
CA SER B 116 10.77 0.43 -4.39
C SER B 116 11.77 0.35 -5.55
N HIS B 117 12.83 1.14 -5.45
CA HIS B 117 13.87 1.18 -6.46
C HIS B 117 15.15 0.56 -5.89
N ASP B 118 15.06 0.04 -4.66
CA ASP B 118 16.22 -0.54 -4.00
C ASP B 118 16.32 -2.07 -4.08
N GLU B 119 17.28 -2.53 -4.88
CA GLU B 119 17.52 -3.97 -5.09
C GLU B 119 17.82 -4.73 -3.81
N GLU B 120 18.54 -4.09 -2.89
CA GLU B 120 18.93 -4.71 -1.62
C GLU B 120 17.78 -5.20 -0.76
N LEU B 121 16.59 -4.64 -0.93
CA LEU B 121 15.44 -5.05 -0.14
C LEU B 121 14.90 -6.43 -0.52
N LYS B 122 15.35 -6.97 -1.66
CA LYS B 122 14.85 -8.26 -2.13
C LYS B 122 15.03 -9.41 -1.15
N ASP B 123 16.11 -9.38 -0.37
CA ASP B 123 16.38 -10.45 0.58
C ASP B 123 15.37 -10.52 1.74
N ALA B 124 14.72 -9.41 2.03
CA ALA B 124 13.75 -9.38 3.12
C ALA B 124 12.32 -9.54 2.62
N ALA B 125 12.17 -9.99 1.38
CA ALA B 125 10.85 -10.20 0.81
C ALA B 125 10.53 -11.67 0.57
N ASP B 126 9.25 -11.96 0.40
CA ASP B 126 8.80 -13.33 0.16
C ASP B 126 8.71 -13.60 -1.33
N HIS B 127 8.26 -12.60 -2.08
CA HIS B 127 8.13 -12.73 -3.52
C HIS B 127 8.64 -11.45 -4.13
N VAL B 128 9.36 -11.57 -5.24
CA VAL B 128 9.96 -10.41 -5.89
C VAL B 128 9.86 -10.42 -7.41
N ILE B 129 9.57 -9.26 -7.96
CA ILE B 129 9.55 -9.12 -9.41
C ILE B 129 10.28 -7.82 -9.69
N ARG B 130 10.92 -7.76 -10.84
CA ARG B 130 11.61 -6.55 -11.24
C ARG B 130 10.88 -6.07 -12.48
N ILE B 131 10.66 -4.77 -12.56
CA ILE B 131 9.99 -4.18 -13.72
C ILE B 131 10.98 -3.19 -14.30
N SER B 132 11.10 -3.18 -15.62
CA SER B 132 12.00 -2.26 -16.28
C SER B 132 11.48 -1.94 -17.66
N LEU B 133 11.95 -0.83 -18.20
CA LEU B 133 11.54 -0.39 -19.51
C LEU B 133 12.44 -1.08 -20.54
N GLU B 134 11.84 -1.85 -21.44
CA GLU B 134 12.62 -2.55 -22.46
C GLU B 134 12.06 -2.21 -23.83
N ASN B 135 12.86 -1.57 -24.66
CA ASN B 135 12.43 -1.18 -25.99
C ASN B 135 11.13 -0.37 -25.90
N GLY B 136 11.07 0.54 -24.93
CA GLY B 136 9.91 1.40 -24.79
C GLY B 136 8.68 0.87 -24.05
N SER B 137 8.75 -0.35 -23.54
CA SER B 137 7.60 -0.91 -22.82
C SER B 137 8.05 -1.59 -21.55
N SER B 138 7.19 -1.56 -20.53
CA SER B 138 7.50 -2.19 -19.26
C SER B 138 7.58 -3.70 -19.42
N LYS B 139 8.60 -4.29 -18.82
CA LYS B 139 8.80 -5.72 -18.87
C LYS B 139 8.92 -6.24 -17.44
N VAL B 140 8.19 -7.31 -17.14
CA VAL B 140 8.23 -7.91 -15.83
C VAL B 140 9.12 -9.15 -15.78
N GLU B 141 9.95 -9.23 -14.75
CA GLU B 141 10.81 -10.38 -14.56
C GLU B 141 10.52 -10.89 -13.16
N VAL B 142 10.11 -12.16 -13.07
CA VAL B 142 9.85 -12.74 -11.77
C VAL B 142 11.20 -13.15 -11.19
N VAL B 143 11.52 -12.63 -10.02
CA VAL B 143 12.80 -12.94 -9.40
C VAL B 143 12.61 -14.00 -8.31
N SER B 144 11.45 -13.97 -7.66
CA SER B 144 11.12 -14.91 -6.61
C SER B 144 9.61 -15.07 -6.50
#